data_5HVB
#
_entry.id   5HVB
#
_cell.length_a   85.973
_cell.length_b   85.973
_cell.length_c   76.833
_cell.angle_alpha   90.00
_cell.angle_beta   90.00
_cell.angle_gamma   120.00
#
_symmetry.space_group_name_H-M   'H 3'
#
loop_
_entity.id
_entity.type
_entity.pdbx_description
1 polymer 'Dihydrofolate reductase'
2 non-polymer 5-methyl-6-(naphthalen-1-ylsulfanyl)thieno[2,3-d]pyrimidine-2,4-diamine
3 non-polymer 'NADPH DIHYDRO-NICOTINAMIDE-ADENINE-DINUCLEOTIDE PHOSPHATE'
4 water water
#
_entity_poly.entity_id   1
_entity_poly.type   'polypeptide(L)'
_entity_poly.pdbx_seq_one_letter_code
;VGSLNCIVAVSQNMGIGKNGDLPWPPLRNEFRYFQRMTTTSSVEGKQNLVIMGKKTWFSIPEKNRPLKGRINLVLSRELK
EPPQGAHFLSRSLDDALKLTEQPELANKVDMVWIVGGSSVYKEAMNHPGHLKLFVTRIMQDFESDTFFPEIDLEKYKLLP
EYPGVLSDVQEEKGIKYKFEVYEKND
;
_entity_poly.pdbx_strand_id   A
#
loop_
_chem_comp.id
_chem_comp.type
_chem_comp.name
_chem_comp.formula
65O non-polymer 5-methyl-6-(naphthalen-1-ylsulfanyl)thieno[2,3-d]pyrimidine-2,4-diamine 'C17 H14 N4 S2'
NDP non-polymer 'NADPH DIHYDRO-NICOTINAMIDE-ADENINE-DINUCLEOTIDE PHOSPHATE' 'C21 H30 N7 O17 P3'
#
# COMPACT_ATOMS: atom_id res chain seq x y z
N VAL A 1 5.18 9.74 -14.53
CA VAL A 1 5.01 8.85 -13.31
C VAL A 1 6.17 9.10 -12.34
N GLY A 2 5.87 9.40 -11.09
CA GLY A 2 6.92 9.52 -10.07
C GLY A 2 7.23 8.23 -9.28
N SER A 3 7.30 8.38 -7.96
CA SER A 3 7.75 7.33 -7.00
C SER A 3 6.95 6.04 -7.06
N LEU A 4 7.62 4.94 -6.74
CA LEU A 4 6.94 3.67 -6.39
C LEU A 4 7.11 3.44 -4.93
N ASN A 5 6.02 3.02 -4.29
CA ASN A 5 5.95 2.99 -2.79
C ASN A 5 5.11 1.80 -2.45
N CYS A 6 5.46 1.15 -1.32
CA CYS A 6 4.48 0.18 -0.75
C CYS A 6 3.97 0.86 0.56
N ILE A 7 2.73 0.56 0.95
CA ILE A 7 2.23 1.02 2.27
C ILE A 7 1.55 -0.19 2.88
N VAL A 8 1.77 -0.38 4.21
CA VAL A 8 1.21 -1.51 4.95
C VAL A 8 1.09 -1.10 6.42
N ALA A 9 0.22 -1.80 7.14
CA ALA A 9 0.26 -1.80 8.63
C ALA A 9 0.48 -3.22 9.10
N VAL A 10 1.38 -3.47 10.08
CA VAL A 10 1.77 -4.84 10.35
C VAL A 10 1.95 -4.98 11.85
N SER A 11 1.47 -6.11 12.34
CA SER A 11 1.64 -6.40 13.80
C SER A 11 3.05 -6.81 14.10
N GLN A 12 3.33 -6.93 15.40
CA GLN A 12 4.65 -7.33 15.80
C GLN A 12 5.11 -8.68 15.24
N ASN A 13 4.18 -9.66 15.09
CA ASN A 13 4.49 -10.94 14.49
C ASN A 13 4.25 -10.92 13.00
N MET A 14 4.42 -9.75 12.35
CA MET A 14 4.38 -9.61 10.89
C MET A 14 2.96 -9.84 10.26
N GLY A 15 1.91 -9.79 11.04
CA GLY A 15 0.60 -10.04 10.47
C GLY A 15 0.01 -8.82 9.82
N ILE A 16 -0.67 -9.04 8.69
CA ILE A 16 -1.42 -8.00 7.99
C ILE A 16 -2.88 -8.30 7.81
N GLY A 17 -3.32 -9.56 7.86
CA GLY A 17 -4.73 -9.82 7.62
C GLY A 17 -5.17 -11.08 8.36
N LYS A 18 -6.48 -11.24 8.51
CA LYS A 18 -7.07 -12.42 9.10
C LYS A 18 -8.51 -12.55 8.58
N ASN A 19 -8.82 -13.70 7.98
CA ASN A 19 -10.19 -13.94 7.46
C ASN A 19 -10.72 -12.74 6.66
N GLY A 20 -9.84 -12.09 5.87
CA GLY A 20 -10.25 -11.08 4.90
C GLY A 20 -10.46 -9.72 5.51
N ASP A 21 -9.99 -9.54 6.75
CA ASP A 21 -10.07 -8.24 7.39
C ASP A 21 -8.69 -7.99 8.06
N LEU A 22 -8.56 -6.87 8.75
CA LEU A 22 -7.29 -6.62 9.50
C LEU A 22 -7.28 -7.51 10.78
N PRO A 23 -6.08 -7.79 11.31
CA PRO A 23 -6.01 -8.61 12.52
C PRO A 23 -6.53 -7.87 13.75
N TRP A 24 -6.58 -6.53 13.70
CA TRP A 24 -6.91 -5.67 14.87
C TRP A 24 -8.21 -4.97 14.58
N PRO A 25 -8.90 -4.50 15.65
CA PRO A 25 -10.09 -3.69 15.53
C PRO A 25 -9.75 -2.41 14.80
N PRO A 26 -10.73 -1.74 14.25
CA PRO A 26 -10.41 -0.61 13.43
C PRO A 26 -9.73 0.54 14.18
N LEU A 27 -8.71 1.05 13.54
CA LEU A 27 -7.91 2.14 14.07
C LEU A 27 -8.13 3.31 13.14
N ARG A 28 -9.06 4.19 13.48
CA ARG A 28 -9.55 5.30 12.61
C ARG A 28 -8.45 6.21 12.03
N ASN A 29 -7.49 6.54 12.87
CA ASN A 29 -6.48 7.45 12.42
C ASN A 29 -5.46 6.76 11.56
N GLU A 30 -5.41 5.44 11.71
CA GLU A 30 -4.49 4.65 10.82
C GLU A 30 -5.06 4.68 9.43
N PHE A 31 -6.38 4.44 9.30
CA PHE A 31 -7.06 4.54 8.02
C PHE A 31 -6.95 5.95 7.39
N ARG A 32 -7.16 6.96 8.19
CA ARG A 32 -6.90 8.37 7.79
C ARG A 32 -5.51 8.60 7.23
N TYR A 33 -4.52 8.10 7.98
CA TYR A 33 -3.09 8.18 7.58
C TYR A 33 -2.93 7.50 6.19
N PHE A 34 -3.42 6.25 6.06
CA PHE A 34 -3.31 5.54 4.76
C PHE A 34 -3.97 6.34 3.65
N GLN A 35 -5.17 6.89 3.94
CA GLN A 35 -5.89 7.67 2.99
C GLN A 35 -5.09 8.94 2.57
N ARG A 36 -4.59 9.68 3.55
CA ARG A 36 -3.83 10.93 3.36
C ARG A 36 -2.62 10.58 2.47
N MET A 37 -1.91 9.50 2.82
CA MET A 37 -0.60 9.26 2.15
C MET A 37 -0.76 8.80 0.72
N THR A 38 -1.73 7.90 0.51
CA THR A 38 -1.95 7.45 -0.83
C THR A 38 -2.62 8.48 -1.77
N THR A 39 -3.44 9.41 -1.21
CA THR A 39 -4.23 10.40 -2.01
C THR A 39 -3.36 11.56 -2.46
N THR A 40 -2.46 11.94 -1.57
CA THR A 40 -1.80 13.28 -1.71
C THR A 40 -0.74 13.17 -2.81
N SER A 41 -0.89 13.98 -3.86
CA SER A 41 0.03 14.01 -5.03
C SER A 41 0.90 15.29 -5.10
N SER A 42 2.24 15.13 -5.13
CA SER A 42 3.19 16.26 -5.00
C SER A 42 3.33 17.10 -6.28
N VAL A 43 2.37 16.95 -7.20
CA VAL A 43 2.34 17.62 -8.50
C VAL A 43 0.92 18.18 -8.64
N GLU A 44 0.74 19.22 -9.45
CA GLU A 44 -0.61 19.74 -9.71
C GLU A 44 -1.16 19.09 -11.00
N GLY A 45 -2.45 18.75 -10.99
CA GLY A 45 -3.11 18.13 -12.16
C GLY A 45 -2.81 16.65 -12.34
N LYS A 46 -2.28 16.00 -11.30
CA LYS A 46 -2.10 14.57 -11.40
C LYS A 46 -2.70 13.86 -10.20
N GLN A 47 -2.95 12.57 -10.40
CA GLN A 47 -3.47 11.69 -9.35
C GLN A 47 -2.50 10.56 -9.00
N ASN A 48 -2.54 10.11 -7.76
CA ASN A 48 -1.85 8.81 -7.51
C ASN A 48 -2.62 7.50 -8.00
N LEU A 49 -1.86 6.49 -8.37
CA LEU A 49 -2.40 5.16 -8.70
C LEU A 49 -2.25 4.23 -7.51
N VAL A 50 -3.29 3.48 -7.13
CA VAL A 50 -3.06 2.44 -6.09
C VAL A 50 -3.19 1.10 -6.79
N ILE A 51 -2.28 0.18 -6.49
CA ILE A 51 -2.27 -1.17 -7.08
C ILE A 51 -2.59 -2.13 -5.89
N MET A 52 -3.53 -3.09 -6.10
CA MET A 52 -3.77 -4.00 -5.00
C MET A 52 -4.15 -5.33 -5.60
N GLY A 53 -4.03 -6.38 -4.80
CA GLY A 53 -4.48 -7.76 -5.08
C GLY A 53 -6.01 -7.86 -5.01
N LYS A 54 -6.55 -8.89 -5.62
CA LYS A 54 -7.99 -9.08 -5.73
C LYS A 54 -8.62 -9.22 -4.30
N LYS A 55 -7.95 -10.01 -3.46
CA LYS A 55 -8.49 -10.14 -2.08
C LYS A 55 -8.46 -8.83 -1.29
N THR A 56 -7.36 -8.04 -1.41
CA THR A 56 -7.43 -6.68 -0.87
C THR A 56 -8.57 -5.80 -1.34
N TRP A 57 -8.84 -5.80 -2.65
CA TRP A 57 -10.01 -5.12 -3.15
C TRP A 57 -11.28 -5.44 -2.42
N PHE A 58 -11.53 -6.74 -2.28
CA PHE A 58 -12.83 -7.10 -1.76
C PHE A 58 -12.79 -7.03 -0.22
N SER A 59 -11.62 -6.83 0.39
CA SER A 59 -11.53 -6.54 1.85
C SER A 59 -11.91 -5.13 2.23
N ILE A 60 -11.91 -4.19 1.29
CA ILE A 60 -12.24 -2.79 1.55
C ILE A 60 -13.77 -2.72 1.58
N PRO A 61 -14.35 -1.96 2.56
CA PRO A 61 -15.80 -1.76 2.57
C PRO A 61 -16.29 -1.13 1.25
N GLU A 62 -17.27 -1.79 0.64
CA GLU A 62 -17.94 -1.30 -0.57
C GLU A 62 -18.10 0.24 -0.61
N LYS A 63 -18.39 0.85 0.53
CA LYS A 63 -18.61 2.29 0.52
C LYS A 63 -17.33 3.10 0.37
N ASN A 64 -16.18 2.49 0.65
CA ASN A 64 -14.93 3.18 0.37
C ASN A 64 -14.30 2.77 -0.92
N ARG A 65 -15.00 1.96 -1.73
CA ARG A 65 -14.50 1.49 -3.03
C ARG A 65 -15.20 2.27 -4.12
N PRO A 66 -14.48 2.69 -5.16
CA PRO A 66 -12.99 2.70 -5.25
C PRO A 66 -12.45 3.63 -4.21
N LEU A 67 -11.15 3.48 -3.90
CA LEU A 67 -10.49 4.45 -3.02
C LEU A 67 -10.51 5.84 -3.73
N LYS A 68 -11.23 6.79 -3.11
CA LYS A 68 -11.60 8.05 -3.83
C LYS A 68 -10.38 8.92 -4.10
N GLY A 69 -10.41 9.58 -5.24
CA GLY A 69 -9.33 10.54 -5.49
C GLY A 69 -8.03 9.91 -5.93
N ARG A 70 -8.05 8.59 -6.17
CA ARG A 70 -6.97 7.77 -6.71
C ARG A 70 -7.47 6.90 -7.79
N ILE A 71 -6.60 6.56 -8.75
CA ILE A 71 -6.86 5.57 -9.81
C ILE A 71 -6.67 4.20 -9.17
N ASN A 72 -7.71 3.39 -9.22
CA ASN A 72 -7.66 2.06 -8.59
C ASN A 72 -7.47 0.99 -9.56
N LEU A 73 -6.40 0.24 -9.34
CA LEU A 73 -6.02 -0.89 -10.18
C LEU A 73 -5.93 -2.17 -9.42
N VAL A 74 -6.68 -3.19 -9.87
CA VAL A 74 -6.67 -4.53 -9.29
C VAL A 74 -5.89 -5.56 -10.08
N LEU A 75 -5.12 -6.38 -9.38
CA LEU A 75 -4.36 -7.47 -9.92
C LEU A 75 -5.19 -8.73 -9.83
N SER A 76 -5.43 -9.35 -10.98
CA SER A 76 -5.97 -10.70 -11.04
C SER A 76 -5.73 -11.38 -12.35
N ARG A 77 -5.53 -12.68 -12.30
CA ARG A 77 -5.48 -13.49 -13.52
C ARG A 77 -6.79 -14.26 -13.81
N GLU A 78 -7.69 -14.32 -12.84
CA GLU A 78 -9.01 -14.98 -13.06
C GLU A 78 -10.05 -14.01 -13.58
N LEU A 79 -10.04 -12.76 -13.13
CA LEU A 79 -11.12 -11.85 -13.50
C LEU A 79 -11.03 -11.54 -15.02
N LYS A 80 -12.13 -11.26 -15.67
CA LYS A 80 -11.99 -10.85 -17.09
C LYS A 80 -12.13 -9.33 -17.27
N GLU A 81 -12.57 -8.63 -16.24
CA GLU A 81 -12.61 -7.21 -16.33
C GLU A 81 -12.47 -6.62 -14.93
N PRO A 82 -12.24 -5.30 -14.83
CA PRO A 82 -12.14 -4.76 -13.50
C PRO A 82 -13.45 -4.99 -12.70
N PRO A 83 -13.34 -5.24 -11.38
CA PRO A 83 -14.52 -5.34 -10.53
C PRO A 83 -15.38 -4.10 -10.56
N GLN A 84 -16.69 -4.24 -10.34
CA GLN A 84 -17.59 -3.13 -10.09
C GLN A 84 -16.90 -2.05 -9.27
N GLY A 85 -16.83 -0.82 -9.78
CA GLY A 85 -16.18 0.25 -9.06
C GLY A 85 -14.68 0.47 -9.23
N ALA A 86 -13.94 -0.54 -9.69
CA ALA A 86 -12.50 -0.42 -9.94
C ALA A 86 -12.37 0.27 -11.26
N HIS A 87 -11.13 0.71 -11.58
CA HIS A 87 -10.79 1.38 -12.85
C HIS A 87 -10.05 0.57 -13.84
N PHE A 88 -9.07 -0.16 -13.38
CA PHE A 88 -8.25 -0.95 -14.23
C PHE A 88 -8.04 -2.30 -13.64
N LEU A 89 -7.61 -3.19 -14.51
CA LEU A 89 -7.33 -4.57 -14.19
C LEU A 89 -6.04 -4.96 -14.86
N SER A 90 -5.11 -5.49 -14.11
CA SER A 90 -3.89 -6.11 -14.70
C SER A 90 -3.56 -7.51 -14.20
N ARG A 91 -2.83 -8.25 -15.01
CA ARG A 91 -2.49 -9.66 -14.84
C ARG A 91 -1.13 -9.95 -14.17
N SER A 92 -0.33 -8.88 -14.03
CA SER A 92 0.97 -8.96 -13.33
C SER A 92 1.37 -7.56 -12.88
N LEU A 93 2.28 -7.52 -11.90
CA LEU A 93 2.80 -6.27 -11.41
C LEU A 93 3.54 -5.54 -12.58
N ASP A 94 4.31 -6.30 -13.34
CA ASP A 94 4.97 -5.70 -14.51
C ASP A 94 3.99 -4.99 -15.48
N ASP A 95 2.90 -5.66 -15.80
CA ASP A 95 1.87 -5.12 -16.67
C ASP A 95 1.26 -3.90 -16.08
N ALA A 96 0.97 -3.93 -14.78
CA ALA A 96 0.43 -2.75 -14.19
C ALA A 96 1.39 -1.61 -14.35
N LEU A 97 2.67 -1.84 -14.15
CA LEU A 97 3.66 -0.75 -14.25
C LEU A 97 3.90 -0.31 -15.73
N LYS A 98 4.10 -1.28 -16.65
CA LYS A 98 4.06 -1.02 -18.12
C LYS A 98 2.91 -0.07 -18.44
N LEU A 99 1.70 -0.41 -17.98
CA LEU A 99 0.45 0.39 -18.19
C LEU A 99 0.58 1.86 -17.79
N THR A 100 1.48 2.12 -16.85
CA THR A 100 1.70 3.49 -16.40
C THR A 100 2.49 4.30 -17.44
N GLU A 101 3.32 3.61 -18.21
CA GLU A 101 4.08 4.20 -19.32
C GLU A 101 3.25 4.31 -20.63
N GLN A 102 1.96 3.96 -20.59
CA GLN A 102 1.05 4.13 -21.74
C GLN A 102 0.74 5.60 -21.97
N PRO A 103 0.44 5.97 -23.23
CA PRO A 103 -0.05 7.32 -23.53
C PRO A 103 -1.21 7.74 -22.58
N GLU A 104 -2.26 6.91 -22.53
CA GLU A 104 -3.39 7.04 -21.59
C GLU A 104 -2.98 7.54 -20.17
N LEU A 105 -2.14 6.77 -19.48
CA LEU A 105 -1.81 7.01 -18.08
C LEU A 105 -0.55 7.84 -17.86
N ALA A 106 0.41 7.69 -18.77
CA ALA A 106 1.71 8.38 -18.72
C ALA A 106 1.68 9.71 -17.98
N ASN A 107 0.88 10.65 -18.47
CA ASN A 107 0.89 11.98 -17.83
C ASN A 107 -0.20 12.29 -16.82
N LYS A 108 -1.01 11.29 -16.40
CA LYS A 108 -2.04 11.59 -15.37
C LYS A 108 -1.64 11.11 -13.95
N VAL A 109 -0.69 10.20 -13.92
CA VAL A 109 -0.24 9.53 -12.66
C VAL A 109 1.03 10.18 -12.04
N ASP A 110 0.89 10.75 -10.85
CA ASP A 110 2.06 11.03 -9.92
C ASP A 110 2.69 9.73 -9.23
N MET A 111 2.34 9.46 -7.97
CA MET A 111 2.90 8.32 -7.21
C MET A 111 2.16 7.03 -7.50
N VAL A 112 2.89 5.93 -7.44
CA VAL A 112 2.24 4.58 -7.46
C VAL A 112 2.44 3.98 -6.09
N TRP A 113 1.32 3.54 -5.49
CA TRP A 113 1.31 2.93 -4.14
C TRP A 113 0.79 1.52 -4.21
N ILE A 114 1.62 0.59 -3.84
CA ILE A 114 1.17 -0.83 -3.69
C ILE A 114 0.58 -0.92 -2.30
N VAL A 115 -0.70 -1.28 -2.24
CA VAL A 115 -1.48 -1.23 -0.99
C VAL A 115 -1.80 -2.67 -0.49
N GLY A 116 -1.19 -3.70 -1.10
CA GLY A 116 -1.27 -5.13 -0.63
C GLY A 116 -1.87 -6.06 -1.66
N GLY A 117 -1.79 -7.39 -1.48
CA GLY A 117 -1.35 -8.05 -0.22
C GLY A 117 0.00 -8.66 -0.34
N SER A 118 0.16 -9.86 0.20
CA SER A 118 1.50 -10.39 0.50
C SER A 118 2.36 -10.57 -0.75
N SER A 119 1.78 -11.18 -1.80
CA SER A 119 2.55 -11.52 -2.97
C SER A 119 3.01 -10.30 -3.77
N VAL A 120 2.15 -9.28 -3.87
CA VAL A 120 2.46 -7.98 -4.55
C VAL A 120 3.59 -7.31 -3.79
N TYR A 121 3.47 -7.26 -2.47
CA TYR A 121 4.56 -6.66 -1.67
C TYR A 121 5.86 -7.37 -1.89
N LYS A 122 5.85 -8.70 -1.82
CA LYS A 122 7.12 -9.44 -1.91
C LYS A 122 7.81 -9.19 -3.23
N GLU A 123 7.05 -9.17 -4.34
CA GLU A 123 7.66 -9.02 -5.67
C GLU A 123 8.19 -7.64 -5.78
N ALA A 124 7.44 -6.65 -5.34
CA ALA A 124 7.92 -5.26 -5.50
C ALA A 124 9.22 -5.13 -4.68
N MET A 125 9.21 -5.69 -3.48
CA MET A 125 10.35 -5.49 -2.51
C MET A 125 11.67 -6.11 -2.88
N ASN A 126 11.62 -7.10 -3.76
CA ASN A 126 12.78 -7.87 -4.14
C ASN A 126 13.16 -7.43 -5.59
N HIS A 127 12.49 -6.42 -6.13
CA HIS A 127 12.76 -6.10 -7.51
C HIS A 127 13.77 -4.96 -7.51
N PRO A 128 14.83 -4.99 -8.35
CA PRO A 128 15.78 -3.82 -8.27
C PRO A 128 15.15 -2.44 -8.54
N GLY A 129 15.67 -1.41 -7.88
CA GLY A 129 15.13 -0.11 -8.17
C GLY A 129 14.93 0.69 -6.88
N HIS A 130 14.42 1.89 -7.05
CA HIS A 130 14.22 2.83 -5.98
C HIS A 130 12.83 2.57 -5.47
N LEU A 131 12.70 2.24 -4.17
CA LEU A 131 11.40 1.88 -3.61
C LEU A 131 11.38 2.36 -2.17
N LYS A 132 10.27 2.93 -1.70
CA LYS A 132 10.08 3.22 -0.26
C LYS A 132 8.96 2.33 0.26
N LEU A 133 9.08 1.99 1.54
CA LEU A 133 8.05 1.27 2.30
C LEU A 133 7.58 2.21 3.40
N PHE A 134 6.29 2.42 3.40
CA PHE A 134 5.65 3.16 4.52
C PHE A 134 4.99 2.07 5.40
N VAL A 135 5.56 1.87 6.58
CA VAL A 135 5.20 0.73 7.41
C VAL A 135 4.62 1.30 8.72
N THR A 136 3.36 0.92 9.03
CA THR A 136 2.82 1.27 10.38
C THR A 136 3.09 0.02 11.23
N ARG A 137 3.84 0.22 12.34
CA ARG A 137 4.16 -0.87 13.22
C ARG A 137 3.10 -0.91 14.29
N ILE A 138 2.26 -1.97 14.24
CA ILE A 138 1.23 -2.10 15.25
C ILE A 138 1.97 -2.85 16.37
N MET A 139 1.98 -2.29 17.58
CA MET A 139 3.00 -2.67 18.60
C MET A 139 2.50 -3.77 19.57
N GLN A 140 1.80 -4.77 19.03
CA GLN A 140 1.38 -5.98 19.74
C GLN A 140 1.38 -7.15 18.79
N ASP A 141 1.28 -8.37 19.30
CA ASP A 141 1.01 -9.53 18.46
C ASP A 141 -0.48 -9.58 18.20
N PHE A 142 -0.85 -9.96 16.96
CA PHE A 142 -2.25 -10.32 16.66
C PHE A 142 -2.31 -11.58 15.81
N GLU A 143 -3.23 -12.49 16.14
CA GLU A 143 -3.49 -13.69 15.33
C GLU A 143 -3.84 -13.26 13.89
N SER A 144 -3.13 -13.89 12.98
CA SER A 144 -3.13 -13.45 11.59
C SER A 144 -3.02 -14.68 10.71
N ASP A 145 -3.59 -14.57 9.50
CA ASP A 145 -3.41 -15.61 8.49
C ASP A 145 -2.70 -15.15 7.22
N THR A 146 -2.29 -13.86 7.19
CA THR A 146 -1.60 -13.35 6.03
C THR A 146 -0.50 -12.41 6.60
N PHE A 147 0.71 -12.50 6.06
CA PHE A 147 1.91 -11.87 6.66
C PHE A 147 2.64 -10.98 5.68
N PHE A 148 3.29 -9.95 6.20
CA PHE A 148 4.17 -9.10 5.43
C PHE A 148 5.51 -9.79 5.16
N PRO A 149 6.01 -9.67 3.96
CA PRO A 149 7.33 -10.31 3.75
C PRO A 149 8.50 -9.65 4.51
N GLU A 150 9.57 -10.42 4.72
CA GLU A 150 10.78 -9.94 5.36
C GLU A 150 11.28 -8.63 4.72
N ILE A 151 11.64 -7.67 5.56
CA ILE A 151 12.29 -6.44 5.15
C ILE A 151 13.75 -6.65 5.42
N ASP A 152 14.53 -6.65 4.34
CA ASP A 152 15.95 -6.83 4.45
C ASP A 152 16.58 -5.49 4.78
N LEU A 153 17.05 -5.37 6.07
CA LEU A 153 17.58 -4.07 6.59
C LEU A 153 18.99 -3.72 6.06
N GLU A 154 19.64 -4.68 5.38
CA GLU A 154 20.84 -4.34 4.66
C GLU A 154 20.57 -3.37 3.47
N LYS A 155 19.40 -3.56 2.84
CA LYS A 155 18.95 -2.81 1.63
C LYS A 155 17.99 -1.68 2.04
N TYR A 156 17.08 -1.95 2.96
CA TYR A 156 16.05 -0.93 3.34
C TYR A 156 16.49 -0.17 4.56
N LYS A 157 16.81 1.11 4.36
CA LYS A 157 17.16 2.01 5.46
C LYS A 157 16.00 2.69 6.08
N LEU A 158 15.87 2.60 7.43
CA LEU A 158 14.83 3.29 8.15
C LEU A 158 15.23 4.76 8.21
N LEU A 159 14.36 5.60 7.69
CA LEU A 159 14.65 7.04 7.63
C LEU A 159 14.38 7.63 9.00
N PRO A 160 15.20 8.61 9.38
CA PRO A 160 15.11 9.08 10.77
C PRO A 160 14.04 10.09 10.96
N GLU A 161 13.43 10.56 9.88
CA GLU A 161 12.30 11.48 9.83
C GLU A 161 11.77 11.53 8.43
N TYR A 162 10.52 11.93 8.27
CA TYR A 162 9.99 12.09 6.94
C TYR A 162 8.82 13.06 6.96
N PRO A 163 8.83 14.01 6.02
CA PRO A 163 7.82 15.07 6.11
C PRO A 163 6.37 14.54 5.99
N GLY A 164 5.52 15.04 6.87
CA GLY A 164 4.11 14.67 6.79
C GLY A 164 3.83 13.33 7.47
N VAL A 165 4.82 12.79 8.15
CA VAL A 165 4.73 11.47 8.90
C VAL A 165 5.11 11.68 10.35
N LEU A 166 4.19 11.49 11.28
CA LEU A 166 4.54 11.56 12.71
C LEU A 166 5.57 10.52 13.32
N SER A 167 6.54 10.92 14.17
CA SER A 167 7.55 9.97 14.73
C SER A 167 7.27 9.35 16.06
N ASP A 168 6.28 9.90 16.76
CA ASP A 168 6.09 9.36 18.06
C ASP A 168 4.94 8.40 17.97
N VAL A 169 4.78 7.73 19.08
CA VAL A 169 3.84 6.66 19.22
C VAL A 169 2.44 7.24 19.32
N GLN A 170 1.51 6.59 18.63
CA GLN A 170 0.07 6.79 18.62
C GLN A 170 -0.56 5.65 19.38
N GLU A 171 -1.83 5.86 19.76
CA GLU A 171 -2.59 4.85 20.45
C GLU A 171 -4.03 5.11 20.16
N GLU A 172 -4.71 4.07 19.72
CA GLU A 172 -6.18 4.15 19.59
C GLU A 172 -6.72 2.81 20.10
N LYS A 173 -7.89 2.82 20.78
CA LYS A 173 -8.40 1.59 21.37
C LYS A 173 -7.40 0.72 22.15
N GLY A 174 -6.49 1.36 22.88
CA GLY A 174 -5.51 0.61 23.70
C GLY A 174 -4.41 -0.14 22.98
N ILE A 175 -4.23 0.19 21.70
CA ILE A 175 -3.19 -0.44 20.82
C ILE A 175 -2.21 0.71 20.42
N LYS A 176 -0.95 0.61 20.82
CA LYS A 176 0.00 1.60 20.37
C LYS A 176 0.53 1.21 18.99
N TYR A 177 0.84 2.24 18.22
CA TYR A 177 1.50 2.00 16.95
C TYR A 177 2.30 3.23 16.54
N LYS A 178 3.16 3.02 15.55
CA LYS A 178 4.13 4.03 15.12
C LYS A 178 4.27 3.95 13.57
N PHE A 179 4.55 5.10 12.96
CA PHE A 179 4.76 5.19 11.53
C PHE A 179 6.27 5.17 11.23
N GLU A 180 6.65 4.45 10.15
CA GLU A 180 8.04 4.30 9.71
C GLU A 180 8.05 4.43 8.18
N VAL A 181 9.19 4.97 7.71
CA VAL A 181 9.45 5.03 6.27
C VAL A 181 10.82 4.39 6.05
N TYR A 182 10.88 3.41 5.10
CA TYR A 182 12.12 2.74 4.69
C TYR A 182 12.34 3.07 3.24
N GLU A 183 13.65 3.19 2.89
CA GLU A 183 14.01 3.40 1.47
C GLU A 183 15.16 2.49 1.05
N LYS A 184 15.04 1.95 -0.14
CA LYS A 184 16.15 1.24 -0.83
C LYS A 184 16.41 1.88 -2.17
N ASN A 185 17.62 1.66 -2.69
CA ASN A 185 17.92 2.04 -4.08
C ASN A 185 19.01 1.16 -4.56
N ASP A 186 18.60 0.21 -5.34
CA ASP A 186 19.54 -0.87 -5.81
C ASP A 186 19.24 -1.28 -7.25
C4 65O B . -4.10 0.42 5.55
C5 65O B . -3.84 -0.16 4.34
C6 65O B . -2.50 -0.23 3.97
N1 65O B . -1.55 0.27 4.72
N3 65O B . -3.12 0.86 6.39
CAA 65O B . -5.24 -1.12 2.26
CAQ 65O B . -5.04 -0.49 3.69
NAC 65O B . -2.08 -0.78 2.77
C2 65O B . -1.87 0.82 5.93
NAB 65O B . -0.89 1.33 6.68
SAN 65O B . -5.89 0.41 5.85
CAS 65O B . -6.19 -0.21 4.33
SAM 65O B . -7.98 -0.45 3.66
CAR 65O B . -8.52 -1.97 4.32
CAU 65O B . -9.65 -2.03 5.18
CAJ 65O B . -10.34 -0.86 5.51
CAE 65O B . -11.45 -0.91 6.39
CAD 65O B . -11.88 -2.13 6.92
CAH 65O B . -11.20 -3.32 6.58
CAT 65O B . -10.06 -3.27 5.73
CAI 65O B . -9.37 -4.45 5.41
CAF 65O B . -8.27 -4.39 4.54
CAG 65O B . -7.83 -3.15 4.02
PA NDP C . -4.14 -10.14 -2.31
O1A NDP C . -2.66 -10.15 -2.71
O2A NDP C . -4.77 -8.88 -2.08
O5B NDP C . -4.99 -10.96 -3.32
C5B NDP C . -4.52 -12.21 -3.81
C4B NDP C . -5.17 -12.46 -5.17
O4B NDP C . -4.81 -11.34 -5.96
C3B NDP C . -4.52 -13.62 -5.79
O3B NDP C . -5.28 -14.79 -5.50
C2B NDP C . -4.54 -13.30 -7.30
O2B NDP C . -5.90 -13.38 -7.76
C1B NDP C . -4.31 -11.80 -7.30
N9A NDP C . -2.94 -11.41 -7.26
C8A NDP C . -2.06 -11.16 -6.24
N7A NDP C . -0.89 -10.76 -6.80
C5A NDP C . -1.02 -10.79 -8.14
C6A NDP C . -0.16 -10.51 -9.17
N6A NDP C . 1.14 -10.12 -8.92
N1A NDP C . -0.59 -10.59 -10.44
C2A NDP C . -1.91 -11.00 -10.77
N3A NDP C . -2.78 -11.29 -9.71
C4A NDP C . -2.28 -11.20 -8.44
O3 NDP C . -4.34 -11.07 -0.97
PN NDP C . -3.67 -11.52 0.38
O1N NDP C . -2.19 -11.30 0.49
O2N NDP C . -4.14 -12.92 0.51
O5D NDP C . -4.46 -10.93 1.42
C5D NDP C . -4.83 -9.66 1.83
C4D NDP C . -5.18 -9.77 3.38
O4D NDP C . -4.44 -8.70 4.03
C3D NDP C . -6.62 -9.56 3.72
O3D NDP C . -6.95 -10.09 5.04
C2D NDP C . -6.69 -8.05 3.75
O2D NDP C . -7.65 -7.53 4.59
C1D NDP C . -5.38 -7.66 4.46
N1N NDP C . -4.66 -6.42 4.05
C2N NDP C . -3.98 -5.76 5.07
C3N NDP C . -3.22 -4.65 4.83
C7N NDP C . -2.53 -4.05 5.91
O7N NDP C . -2.53 -4.46 7.12
N7N NDP C . -1.84 -3.02 5.56
C4N NDP C . -3.02 -4.28 3.43
C5N NDP C . -3.74 -4.97 2.37
C6N NDP C . -4.55 -6.09 2.67
P2B NDP C . -6.39 -14.30 -8.99
O1X NDP C . -7.73 -13.87 -9.41
O2X NDP C . -5.23 -14.37 -10.04
O3X NDP C . -6.37 -15.62 -8.28
#